data_3DU1
#
_entry.id   3DU1
#
_cell.length_a   68.200
_cell.length_b   93.763
_cell.length_c   101.307
_cell.angle_alpha   90.00
_cell.angle_beta   90.00
_cell.angle_gamma   90.00
#
_symmetry.space_group_name_H-M   'I 2 2 2'
#
loop_
_entity.id
_entity.type
_entity.pdbx_description
1 polymer 'All3740 protein'
2 water water
#
_entity_poly.entity_id   1
_entity_poly.type   'polypeptide(L)'
_entity_poly.pdbx_seq_one_letter_code
;MGSSHHHHHHSSGLVPRGSHMNVGEILRHYAAGKRNFQHINLQEIELTNASLTGADLSYADLRQTRLGKSNFSHTCLREA
DLSEAILWGIDLSEADLYRAILREADLTGAKLVKTRLEEANLIKASLCGANLNSANLSRCLLFQADLRPSSNQRTDLGYV
LLTGADLSYADLRAASLHHANLDGAKLCRANFGRTIQWGNLAADLSGASLQGADLSYANLESAILRKANLQGADLTGAIL
KDAELKGAIMPDGSIHD
;
_entity_poly.pdbx_strand_id   X
#
# COMPACT_ATOMS: atom_id res chain seq x y z
N HIS A 20 -1.50 -28.88 1.01
CA HIS A 20 -2.36 -29.05 -0.21
C HIS A 20 -3.87 -29.07 0.16
N MET A 21 -4.35 -27.98 0.77
CA MET A 21 -5.62 -27.98 1.54
C MET A 21 -6.82 -27.26 0.87
N ASN A 22 -8.01 -27.89 0.90
CA ASN A 22 -9.23 -27.27 0.36
C ASN A 22 -10.10 -26.49 1.37
N VAL A 23 -11.14 -25.82 0.88
CA VAL A 23 -12.03 -24.98 1.73
C VAL A 23 -12.61 -25.69 2.96
N GLY A 24 -13.20 -26.86 2.75
CA GLY A 24 -13.85 -27.56 3.85
C GLY A 24 -12.82 -27.95 4.89
N GLU A 25 -11.64 -28.34 4.42
CA GLU A 25 -10.55 -28.75 5.33
C GLU A 25 -10.16 -27.60 6.27
N ILE A 26 -9.85 -26.45 5.68
CA ILE A 26 -9.42 -25.31 6.50
C ILE A 26 -10.55 -24.79 7.39
N LEU A 27 -11.77 -24.71 6.84
CA LEU A 27 -12.89 -24.22 7.64
C LEU A 27 -13.20 -25.13 8.82
N ARG A 28 -13.17 -26.44 8.59
CA ARG A 28 -13.35 -27.43 9.68
C ARG A 28 -12.26 -27.28 10.75
N HIS A 29 -11.00 -27.25 10.32
CA HIS A 29 -9.88 -27.10 11.25
C HIS A 29 -9.97 -25.81 12.06
N TYR A 30 -10.24 -24.69 11.41
CA TYR A 30 -10.32 -23.40 12.12
C TYR A 30 -11.47 -23.40 13.13
N ALA A 31 -12.62 -23.92 12.70
CA ALA A 31 -13.81 -24.03 13.56
C ALA A 31 -13.48 -24.85 14.82
N ALA A 32 -12.67 -25.90 14.63
CA ALA A 32 -12.19 -26.75 15.74
C ALA A 32 -11.17 -26.06 16.66
N GLY A 33 -10.77 -24.83 16.31
CA GLY A 33 -9.82 -24.06 17.11
C GLY A 33 -8.36 -24.07 16.64
N LYS A 34 -8.08 -24.75 15.54
CA LYS A 34 -6.74 -24.75 14.95
C LYS A 34 -6.37 -23.36 14.42
N ARG A 35 -5.15 -22.91 14.72
CA ARG A 35 -4.66 -21.60 14.28
C ARG A 35 -3.34 -21.72 13.53
N ASN A 36 -2.62 -22.83 13.73
CA ASN A 36 -1.35 -23.09 13.06
C ASN A 36 -1.54 -23.67 11.65
N PHE A 37 -1.49 -22.79 10.66
CA PHE A 37 -1.53 -23.17 9.28
C PHE A 37 -0.25 -22.78 8.53
N GLN A 38 0.88 -22.78 9.24
CA GLN A 38 2.13 -22.38 8.60
C GLN A 38 2.48 -23.32 7.46
N HIS A 39 3.00 -22.74 6.36
CA HIS A 39 3.52 -23.49 5.22
C HIS A 39 2.42 -24.17 4.37
N ILE A 40 1.16 -23.95 4.67
CA ILE A 40 0.11 -24.70 3.99
C ILE A 40 -0.04 -24.19 2.55
N ASN A 41 -0.31 -25.11 1.64
CA ASN A 41 -0.57 -24.75 0.25
C ASN A 41 -2.09 -24.55 0.06
N LEU A 42 -2.49 -23.31 -0.08
CA LEU A 42 -3.89 -23.00 -0.36
C LEU A 42 -4.08 -22.38 -1.74
N GLN A 43 -3.21 -22.69 -2.70
CA GLN A 43 -3.30 -22.06 -4.03
C GLN A 43 -4.71 -22.16 -4.61
N GLU A 44 -5.20 -21.04 -5.13
CA GLU A 44 -6.48 -20.99 -5.84
C GLU A 44 -7.76 -21.23 -5.00
N ILE A 45 -7.62 -21.39 -3.69
CA ILE A 45 -8.79 -21.58 -2.82
C ILE A 45 -9.72 -20.35 -2.86
N GLU A 46 -11.03 -20.58 -2.68
CA GLU A 46 -11.96 -19.46 -2.57
C GLU A 46 -12.56 -19.35 -1.16
N LEU A 47 -12.28 -18.23 -0.51
CA LEU A 47 -12.75 -17.99 0.85
C LEU A 47 -13.43 -16.63 0.96
N THR A 48 -14.11 -16.22 -0.12
CA THR A 48 -14.81 -14.94 -0.18
C THR A 48 -15.81 -14.82 0.99
N ASN A 49 -15.78 -13.67 1.65
CA ASN A 49 -16.68 -13.34 2.76
C ASN A 49 -16.44 -14.11 4.04
N ALA A 50 -15.44 -15.01 4.05
CA ALA A 50 -15.20 -15.87 5.22
C ALA A 50 -14.18 -15.26 6.19
N SER A 51 -14.07 -15.81 7.40
CA SER A 51 -13.10 -15.33 8.37
C SER A 51 -12.07 -16.40 8.80
N LEU A 52 -10.79 -16.02 8.76
CA LEU A 52 -9.74 -16.80 9.41
C LEU A 52 -8.97 -15.91 10.38
N THR A 53 -9.67 -15.01 11.05
CA THR A 53 -9.02 -14.01 11.89
C THR A 53 -8.11 -14.63 12.96
N GLY A 54 -6.91 -14.06 13.13
CA GLY A 54 -5.94 -14.61 14.08
C GLY A 54 -5.20 -15.87 13.66
N ALA A 55 -5.50 -16.43 12.49
CA ALA A 55 -4.77 -17.62 12.04
C ALA A 55 -3.29 -17.30 11.77
N ASP A 56 -2.42 -18.28 12.01
CA ASP A 56 -1.02 -18.18 11.63
C ASP A 56 -0.83 -18.88 10.29
N LEU A 57 -0.67 -18.08 9.25
CA LEU A 57 -0.37 -18.54 7.89
C LEU A 57 1.04 -18.16 7.43
N SER A 58 1.99 -18.08 8.37
CA SER A 58 3.38 -17.77 8.01
C SER A 58 3.86 -18.75 6.96
N TYR A 59 4.56 -18.24 5.94
CA TYR A 59 5.19 -19.08 4.91
C TYR A 59 4.19 -19.86 4.04
N ALA A 60 2.91 -19.53 4.13
CA ALA A 60 1.87 -20.24 3.37
C ALA A 60 1.82 -19.80 1.92
N ASP A 61 1.25 -20.65 1.08
CA ASP A 61 1.17 -20.37 -0.35
C ASP A 61 -0.29 -20.05 -0.65
N LEU A 62 -0.58 -18.76 -0.81
CA LEU A 62 -1.94 -18.30 -1.09
C LEU A 62 -2.03 -17.71 -2.48
N ARG A 63 -1.20 -18.19 -3.40
CA ARG A 63 -1.17 -17.60 -4.72
C ARG A 63 -2.48 -17.84 -5.47
N GLN A 64 -2.94 -16.80 -6.16
CA GLN A 64 -4.15 -16.80 -6.96
C GLN A 64 -5.39 -17.24 -6.15
N THR A 65 -5.39 -17.00 -4.85
CA THR A 65 -6.56 -17.27 -4.01
C THR A 65 -7.62 -16.21 -4.24
N ARG A 66 -8.86 -16.56 -3.91
CA ARG A 66 -9.95 -15.62 -3.98
C ARG A 66 -10.41 -15.34 -2.56
N LEU A 67 -9.98 -14.20 -2.04
CA LEU A 67 -10.18 -13.87 -0.60
C LEU A 67 -10.98 -12.57 -0.46
N GLY A 68 -11.77 -12.23 -1.47
CA GLY A 68 -12.52 -10.97 -1.47
C GLY A 68 -13.37 -10.84 -0.23
N LYS A 69 -13.32 -9.66 0.40
CA LYS A 69 -14.21 -9.34 1.52
C LYS A 69 -14.07 -10.29 2.72
N SER A 70 -12.96 -11.01 2.78
CA SER A 70 -12.74 -11.89 3.90
C SER A 70 -12.15 -11.18 5.10
N ASN A 71 -12.19 -11.82 6.26
CA ASN A 71 -11.61 -11.24 7.47
C ASN A 71 -10.32 -11.97 7.82
N PHE A 72 -9.20 -11.32 7.48
CA PHE A 72 -7.86 -11.82 7.83
C PHE A 72 -7.20 -10.82 8.76
N SER A 73 -8.02 -10.11 9.57
CA SER A 73 -7.47 -9.18 10.54
C SER A 73 -6.64 -9.95 11.57
N HIS A 74 -5.56 -9.33 12.05
CA HIS A 74 -4.69 -9.94 13.07
C HIS A 74 -4.13 -11.31 12.69
N THR A 75 -4.01 -11.60 11.40
CA THR A 75 -3.39 -12.87 11.02
C THR A 75 -1.86 -12.70 10.97
N CYS A 76 -1.15 -13.80 11.14
CA CYS A 76 0.28 -13.80 10.88
C CYS A 76 0.48 -14.34 9.48
N LEU A 77 1.06 -13.53 8.62
CA LEU A 77 1.29 -13.93 7.23
C LEU A 77 2.73 -13.61 6.85
N ARG A 78 3.64 -13.83 7.80
CA ARG A 78 5.04 -13.49 7.59
C ARG A 78 5.61 -14.35 6.49
N GLU A 79 6.20 -13.68 5.49
CA GLU A 79 6.83 -14.36 4.36
C GLU A 79 5.89 -15.32 3.59
N ALA A 80 4.58 -15.06 3.63
CA ALA A 80 3.62 -15.81 2.82
C ALA A 80 3.61 -15.27 1.39
N ASP A 81 3.12 -16.11 0.47
CA ASP A 81 3.06 -15.74 -0.92
C ASP A 81 1.60 -15.61 -1.36
N LEU A 82 1.20 -14.37 -1.60
CA LEU A 82 -0.14 -14.03 -2.08
C LEU A 82 -0.12 -13.43 -3.49
N SER A 83 0.89 -13.80 -4.29
CA SER A 83 1.04 -13.25 -5.64
C SER A 83 -0.20 -13.55 -6.46
N GLU A 84 -0.66 -12.52 -7.17
CA GLU A 84 -1.83 -12.63 -8.05
C GLU A 84 -3.13 -13.03 -7.34
N ALA A 85 -3.14 -12.92 -6.01
CA ALA A 85 -4.38 -13.17 -5.25
C ALA A 85 -5.41 -12.05 -5.47
N ILE A 86 -6.68 -12.43 -5.32
CA ILE A 86 -7.79 -11.50 -5.40
C ILE A 86 -8.20 -11.22 -3.96
N LEU A 87 -7.90 -9.99 -3.52
CA LEU A 87 -8.02 -9.62 -2.11
C LEU A 87 -8.88 -8.38 -2.00
N TRP A 88 -9.77 -8.18 -2.96
CA TRP A 88 -10.56 -6.95 -2.93
C TRP A 88 -11.43 -6.85 -1.67
N GLY A 89 -11.33 -5.70 -1.02
CA GLY A 89 -12.08 -5.42 0.20
C GLY A 89 -11.75 -6.31 1.37
N ILE A 90 -10.60 -6.99 1.30
CA ILE A 90 -10.16 -7.85 2.41
C ILE A 90 -9.92 -6.98 3.64
N ASP A 91 -10.18 -7.55 4.82
CA ASP A 91 -9.75 -6.89 6.02
C ASP A 91 -8.42 -7.56 6.41
N LEU A 92 -7.34 -6.78 6.31
CA LEU A 92 -6.03 -7.24 6.76
C LEU A 92 -5.50 -6.35 7.89
N SER A 93 -6.43 -5.73 8.62
CA SER A 93 -6.04 -4.79 9.68
C SER A 93 -5.19 -5.48 10.73
N GLU A 94 -4.09 -4.82 11.09
CA GLU A 94 -3.13 -5.34 12.08
C GLU A 94 -2.52 -6.70 11.72
N ALA A 95 -2.68 -7.16 10.49
CA ALA A 95 -2.02 -8.43 10.09
C ALA A 95 -0.50 -8.21 9.91
N ASP A 96 0.29 -9.26 10.13
CA ASP A 96 1.75 -9.17 9.96
C ASP A 96 2.09 -9.83 8.63
N LEU A 97 2.36 -9.01 7.63
CA LEU A 97 2.77 -9.44 6.27
C LEU A 97 4.25 -9.14 6.01
N TYR A 98 5.06 -9.31 7.04
CA TYR A 98 6.50 -8.99 6.97
C TYR A 98 7.14 -9.78 5.84
N ARG A 99 7.81 -9.09 4.93
CA ARG A 99 8.44 -9.72 3.74
C ARG A 99 7.54 -10.66 2.95
N ALA A 100 6.21 -10.39 2.97
CA ALA A 100 5.29 -11.22 2.20
C ALA A 100 5.41 -10.83 0.74
N ILE A 101 4.95 -11.71 -0.14
CA ILE A 101 5.01 -11.47 -1.58
C ILE A 101 3.57 -11.26 -2.04
N LEU A 102 3.28 -10.09 -2.54
CA LEU A 102 1.92 -9.73 -3.02
C LEU A 102 2.02 -9.16 -4.42
N ARG A 103 2.91 -9.75 -5.22
CA ARG A 103 3.16 -9.29 -6.58
C ARG A 103 1.83 -9.39 -7.35
N GLU A 104 1.39 -8.26 -7.90
CA GLU A 104 0.21 -8.18 -8.74
C GLU A 104 -1.07 -8.62 -8.00
N ALA A 105 -1.05 -8.55 -6.67
CA ALA A 105 -2.27 -8.82 -5.90
C ALA A 105 -3.29 -7.69 -6.10
N ASP A 106 -4.56 -8.05 -6.06
CA ASP A 106 -5.63 -7.06 -6.16
C ASP A 106 -6.12 -6.74 -4.77
N LEU A 107 -5.68 -5.59 -4.24
CA LEU A 107 -6.07 -5.13 -2.90
C LEU A 107 -7.03 -3.93 -2.99
N THR A 108 -7.80 -3.85 -4.07
CA THR A 108 -8.74 -2.74 -4.26
C THR A 108 -9.70 -2.66 -3.08
N GLY A 109 -9.74 -1.49 -2.45
CA GLY A 109 -10.70 -1.25 -1.35
C GLY A 109 -10.41 -2.04 -0.08
N ALA A 110 -9.18 -2.55 0.02
CA ALA A 110 -8.78 -3.35 1.18
C ALA A 110 -8.66 -2.48 2.43
N LYS A 111 -8.91 -3.08 3.59
CA LYS A 111 -8.64 -2.43 4.84
C LYS A 111 -7.25 -2.87 5.32
N LEU A 112 -6.31 -1.94 5.26
CA LEU A 112 -4.89 -2.21 5.61
C LEU A 112 -4.41 -1.35 6.76
N VAL A 113 -5.31 -1.11 7.72
CA VAL A 113 -5.04 -0.18 8.82
C VAL A 113 -4.05 -0.83 9.77
N LYS A 114 -2.92 -0.16 10.00
CA LYS A 114 -1.85 -0.67 10.87
C LYS A 114 -1.31 -2.06 10.43
N THR A 115 -1.45 -2.34 9.15
CA THR A 115 -0.94 -3.60 8.61
C THR A 115 0.61 -3.49 8.52
N ARG A 116 1.31 -4.58 8.79
CA ARG A 116 2.77 -4.55 8.76
C ARG A 116 3.24 -5.19 7.46
N LEU A 117 3.74 -4.38 6.55
CA LEU A 117 4.12 -4.82 5.20
C LEU A 117 5.57 -4.50 4.89
N GLU A 118 6.39 -4.45 5.93
CA GLU A 118 7.79 -4.09 5.78
C GLU A 118 8.51 -5.04 4.84
N GLU A 119 9.22 -4.45 3.88
CA GLU A 119 9.96 -5.19 2.85
C GLU A 119 9.08 -6.14 2.02
N ALA A 120 7.76 -5.91 2.02
CA ALA A 120 6.90 -6.74 1.17
C ALA A 120 7.03 -6.36 -0.30
N ASN A 121 6.71 -7.32 -1.17
CA ASN A 121 6.74 -7.13 -2.60
C ASN A 121 5.30 -6.82 -3.06
N LEU A 122 5.06 -5.57 -3.44
CA LEU A 122 3.75 -5.13 -3.96
C LEU A 122 3.87 -4.65 -5.40
N ILE A 123 4.79 -5.25 -6.14
CA ILE A 123 5.03 -4.81 -7.50
C ILE A 123 3.76 -5.06 -8.33
N LYS A 124 3.35 -4.04 -9.09
CA LYS A 124 2.14 -4.12 -9.93
C LYS A 124 0.85 -4.45 -9.16
N ALA A 125 0.85 -4.25 -7.85
CA ALA A 125 -0.38 -4.50 -7.08
C ALA A 125 -1.38 -3.36 -7.33
N SER A 126 -2.67 -3.67 -7.16
CA SER A 126 -3.70 -2.61 -7.17
C SER A 126 -4.12 -2.36 -5.73
N LEU A 127 -4.04 -1.11 -5.28
CA LEU A 127 -4.42 -0.74 -3.92
C LEU A 127 -5.48 0.35 -3.96
N CYS A 128 -6.14 0.48 -5.11
CA CYS A 128 -7.10 1.55 -5.38
C CYS A 128 -8.16 1.61 -4.29
N GLY A 129 -8.29 2.77 -3.65
CA GLY A 129 -9.34 3.00 -2.64
C GLY A 129 -9.08 2.23 -1.36
N ALA A 130 -7.88 1.65 -1.21
CA ALA A 130 -7.51 0.97 0.06
C ALA A 130 -7.30 1.97 1.20
N ASN A 131 -7.57 1.53 2.42
CA ASN A 131 -7.26 2.28 3.59
C ASN A 131 -5.94 1.75 4.20
N LEU A 132 -4.87 2.52 4.03
CA LEU A 132 -3.55 2.12 4.55
C LEU A 132 -3.14 2.97 5.74
N ASN A 133 -4.14 3.53 6.44
CA ASN A 133 -3.83 4.40 7.57
C ASN A 133 -2.88 3.72 8.54
N SER A 134 -1.81 4.42 8.88
CA SER A 134 -0.77 3.95 9.81
C SER A 134 -0.12 2.59 9.43
N ALA A 135 -0.23 2.19 8.17
CA ALA A 135 0.39 0.93 7.75
C ALA A 135 1.93 1.10 7.66
N ASN A 136 2.66 0.00 7.85
CA ASN A 136 4.13 0.03 7.74
C ASN A 136 4.59 -0.66 6.45
N LEU A 137 4.91 0.14 5.44
CA LEU A 137 5.40 -0.40 4.15
C LEU A 137 6.85 0.05 3.96
N SER A 138 7.59 0.19 5.06
CA SER A 138 9.01 0.61 5.00
C SER A 138 9.80 -0.37 4.10
N ARG A 139 10.59 0.18 3.17
CA ARG A 139 11.40 -0.61 2.23
C ARG A 139 10.63 -1.62 1.36
N CYS A 140 9.34 -1.38 1.14
CA CYS A 140 8.58 -2.28 0.27
C CYS A 140 8.90 -1.96 -1.21
N LEU A 141 8.57 -2.90 -2.11
CA LEU A 141 8.65 -2.67 -3.54
C LEU A 141 7.24 -2.40 -4.08
N LEU A 142 7.07 -1.26 -4.75
CA LEU A 142 5.74 -0.83 -5.21
C LEU A 142 5.83 -0.42 -6.67
N PHE A 143 6.80 -1.01 -7.37
CA PHE A 143 6.99 -0.69 -8.77
C PHE A 143 5.67 -0.76 -9.58
N GLN A 144 5.32 0.34 -10.25
CA GLN A 144 4.14 0.39 -11.14
C GLN A 144 2.83 0.00 -10.44
N ALA A 145 2.75 0.16 -9.11
CA ALA A 145 1.50 -0.15 -8.39
C ALA A 145 0.42 0.90 -8.66
N ASP A 146 -0.84 0.50 -8.51
CA ASP A 146 -1.94 1.41 -8.83
C ASP A 146 -2.55 1.83 -7.52
N LEU A 147 -2.42 3.11 -7.19
CA LEU A 147 -3.03 3.63 -5.95
C LEU A 147 -4.01 4.75 -6.25
N ARG A 148 -4.54 4.77 -7.47
CA ARG A 148 -5.62 5.74 -7.84
C ARG A 148 -6.90 5.39 -7.08
N PRO A 149 -7.91 6.30 -7.06
CA PRO A 149 -9.17 5.94 -6.38
C PRO A 149 -9.87 4.69 -6.95
N SER A 150 -10.55 3.95 -6.09
CA SER A 150 -11.50 2.95 -6.57
C SER A 150 -12.77 3.71 -7.03
N SER A 151 -13.83 2.99 -7.36
CA SER A 151 -15.08 3.68 -7.76
C SER A 151 -15.82 4.22 -6.53
N ASN A 152 -15.28 3.96 -5.34
CA ASN A 152 -15.93 4.32 -4.07
C ASN A 152 -15.19 5.35 -3.20
N GLN A 153 -13.86 5.36 -3.23
CA GLN A 153 -13.09 6.37 -2.48
C GLN A 153 -11.63 6.47 -2.95
N ARG A 154 -10.98 7.60 -2.64
CA ARG A 154 -9.55 7.77 -2.92
C ARG A 154 -8.75 6.83 -2.02
N THR A 155 -7.50 6.57 -2.39
CA THR A 155 -6.64 5.77 -1.53
C THR A 155 -6.15 6.58 -0.33
N ASP A 156 -6.28 6.01 0.86
CA ASP A 156 -5.88 6.68 2.09
C ASP A 156 -4.58 6.13 2.66
N LEU A 157 -3.50 6.92 2.54
CA LEU A 157 -2.20 6.56 3.10
C LEU A 157 -1.83 7.46 4.27
N GLY A 158 -2.83 7.96 4.98
CA GLY A 158 -2.53 8.83 6.14
C GLY A 158 -1.54 8.17 7.12
N TYR A 159 -0.48 8.88 7.51
CA TYR A 159 0.49 8.33 8.49
C TYR A 159 1.16 7.01 8.05
N VAL A 160 1.13 6.69 6.76
CA VAL A 160 1.82 5.48 6.31
C VAL A 160 3.34 5.65 6.44
N LEU A 161 4.06 4.57 6.71
CA LEU A 161 5.52 4.54 6.64
C LEU A 161 5.93 3.91 5.32
N LEU A 162 6.60 4.71 4.48
CA LEU A 162 7.11 4.27 3.18
C LEU A 162 8.59 4.57 3.12
N THR A 163 9.25 4.58 4.27
CA THR A 163 10.66 4.94 4.35
C THR A 163 11.51 3.97 3.53
N GLY A 164 12.34 4.51 2.63
CA GLY A 164 13.24 3.69 1.78
C GLY A 164 12.53 2.77 0.79
N ALA A 165 11.21 2.92 0.62
CA ALA A 165 10.44 2.11 -0.35
C ALA A 165 10.72 2.54 -1.77
N ASP A 166 10.43 1.65 -2.72
CA ASP A 166 10.61 2.05 -4.11
C ASP A 166 9.26 2.03 -4.82
N LEU A 167 8.77 3.23 -5.15
CA LEU A 167 7.47 3.41 -5.80
C LEU A 167 7.66 3.92 -7.23
N SER A 168 8.79 3.56 -7.85
CA SER A 168 9.04 4.02 -9.23
C SER A 168 7.85 3.64 -10.11
N TYR A 169 7.36 4.61 -10.87
CA TYR A 169 6.25 4.44 -11.82
C TYR A 169 4.89 4.19 -11.16
N ALA A 170 4.80 4.25 -9.82
CA ALA A 170 3.51 4.02 -9.16
C ALA A 170 2.51 5.15 -9.49
N ASP A 171 1.21 4.84 -9.47
CA ASP A 171 0.20 5.84 -9.82
C ASP A 171 -0.55 6.25 -8.54
N LEU A 172 -0.29 7.44 -8.03
CA LEU A 172 -0.89 7.87 -6.75
C LEU A 172 -1.84 9.04 -6.95
N ARG A 173 -2.34 9.21 -8.16
CA ARG A 173 -3.27 10.33 -8.43
C ARG A 173 -4.44 10.34 -7.43
N ALA A 174 -4.71 11.52 -6.87
CA ALA A 174 -5.76 11.74 -5.88
C ALA A 174 -5.54 11.03 -4.56
N ALA A 175 -4.37 10.43 -4.34
CA ALA A 175 -4.17 9.70 -3.08
C ALA A 175 -4.05 10.68 -1.95
N SER A 176 -4.56 10.31 -0.78
CA SER A 176 -4.37 11.13 0.40
C SER A 176 -3.19 10.61 1.23
N LEU A 177 -2.16 11.44 1.38
CA LEU A 177 -0.91 11.05 2.03
C LEU A 177 -0.56 11.95 3.23
N HIS A 178 -1.58 12.38 3.98
CA HIS A 178 -1.37 13.26 5.13
C HIS A 178 -0.41 12.63 6.13
N HIS A 179 0.65 13.34 6.46
CA HIS A 179 1.64 12.92 7.44
C HIS A 179 2.33 11.61 7.09
N ALA A 180 2.38 11.29 5.78
CA ALA A 180 3.06 10.07 5.35
C ALA A 180 4.57 10.29 5.51
N ASN A 181 5.30 9.20 5.71
CA ASN A 181 6.76 9.26 5.75
C ASN A 181 7.29 8.59 4.47
N LEU A 182 7.86 9.38 3.56
CA LEU A 182 8.46 8.82 2.35
C LEU A 182 9.95 9.12 2.34
N ASP A 183 10.55 9.19 3.53
CA ASP A 183 11.98 9.59 3.63
C ASP A 183 12.86 8.56 2.92
N GLY A 184 13.82 9.03 2.13
CA GLY A 184 14.68 8.12 1.37
C GLY A 184 13.98 7.25 0.31
N ALA A 185 12.68 7.46 0.06
CA ALA A 185 11.95 6.64 -0.90
C ALA A 185 12.36 7.00 -2.34
N LYS A 186 12.22 6.04 -3.24
CA LYS A 186 12.40 6.27 -4.66
C LYS A 186 11.03 6.48 -5.31
N LEU A 187 10.82 7.66 -5.88
CA LEU A 187 9.50 8.05 -6.39
C LEU A 187 9.66 8.41 -7.88
N CYS A 188 10.70 7.85 -8.50
CA CYS A 188 11.03 8.19 -9.90
C CYS A 188 9.85 7.94 -10.81
N ARG A 189 9.46 8.94 -11.58
CA ARG A 189 8.36 8.80 -12.54
C ARG A 189 7.02 8.44 -11.86
N ALA A 190 6.88 8.63 -10.55
CA ALA A 190 5.60 8.35 -9.87
C ALA A 190 4.62 9.50 -10.17
N ASN A 191 3.32 9.18 -10.25
CA ASN A 191 2.32 10.17 -10.65
C ASN A 191 1.56 10.63 -9.42
N PHE A 192 1.76 11.87 -9.02
CA PHE A 192 1.06 12.46 -7.88
C PHE A 192 0.06 13.55 -8.35
N GLY A 193 -0.35 13.49 -9.62
CA GLY A 193 -1.21 14.52 -10.20
C GLY A 193 -2.68 14.38 -9.87
N ARG A 194 -3.50 15.18 -10.55
CA ARG A 194 -4.96 15.12 -10.40
C ARG A 194 -5.52 13.94 -11.17
N THR A 195 -6.64 13.42 -10.71
CA THR A 195 -7.44 12.58 -11.61
C THR A 195 -8.84 13.17 -11.87
N ILE A 196 -9.17 13.33 -13.14
CA ILE A 196 -10.44 13.92 -13.54
C ILE A 196 -11.59 12.96 -13.19
N GLN A 197 -11.29 11.68 -13.09
CA GLN A 197 -12.30 10.68 -12.72
C GLN A 197 -12.81 10.88 -11.31
N TRP A 198 -12.01 11.52 -10.45
CA TRP A 198 -12.41 11.61 -9.05
C TRP A 198 -12.34 13.05 -8.51
N GLY A 199 -13.29 13.89 -8.94
CA GLY A 199 -13.34 15.26 -8.45
C GLY A 199 -12.18 16.16 -8.87
N ASN A 200 -11.37 15.73 -9.83
CA ASN A 200 -10.12 16.41 -10.20
C ASN A 200 -9.17 16.57 -8.98
N LEU A 201 -9.29 15.67 -8.01
CA LEU A 201 -8.42 15.74 -6.82
C LEU A 201 -6.97 15.38 -7.14
N ALA A 202 -6.06 16.20 -6.66
CA ALA A 202 -4.64 15.87 -6.75
C ALA A 202 -4.21 15.02 -5.54
N ALA A 203 -3.01 14.44 -5.61
CA ALA A 203 -2.46 13.76 -4.44
C ALA A 203 -2.25 14.84 -3.39
N ASP A 204 -2.50 14.48 -2.14
CA ASP A 204 -2.43 15.43 -1.03
C ASP A 204 -1.38 14.96 -0.04
N LEU A 205 -0.21 15.60 -0.09
CA LEU A 205 0.91 15.24 0.78
C LEU A 205 1.09 16.27 1.91
N SER A 206 -0.01 16.86 2.38
CA SER A 206 0.04 17.84 3.49
C SER A 206 0.76 17.25 4.70
N GLY A 207 1.84 17.91 5.14
CA GLY A 207 2.53 17.47 6.36
C GLY A 207 3.38 16.20 6.20
N ALA A 208 3.49 15.70 4.97
CA ALA A 208 4.24 14.47 4.73
C ALA A 208 5.74 14.76 4.82
N SER A 209 6.55 13.75 5.06
CA SER A 209 8.00 13.93 5.05
C SER A 209 8.55 13.14 3.85
N LEU A 210 9.37 13.81 3.05
CA LEU A 210 10.00 13.22 1.85
C LEU A 210 11.51 13.54 1.88
N GLN A 211 12.10 13.48 3.07
CA GLN A 211 13.49 13.89 3.23
C GLN A 211 14.39 12.93 2.50
N GLY A 212 15.20 13.48 1.59
CA GLY A 212 16.17 12.67 0.83
C GLY A 212 15.51 11.76 -0.19
N ALA A 213 14.21 11.94 -0.42
CA ALA A 213 13.52 11.15 -1.44
C ALA A 213 13.98 11.51 -2.86
N ASP A 214 13.92 10.53 -3.75
CA ASP A 214 14.25 10.73 -5.14
C ASP A 214 12.92 10.94 -5.88
N LEU A 215 12.59 12.20 -6.17
CA LEU A 215 11.35 12.57 -6.84
C LEU A 215 11.61 12.87 -8.31
N SER A 216 12.72 12.37 -8.84
CA SER A 216 13.10 12.78 -10.17
C SER A 216 12.06 12.32 -11.22
N TYR A 217 11.69 13.23 -12.11
CA TYR A 217 10.68 13.02 -13.17
C TYR A 217 9.30 12.68 -12.63
N ALA A 218 9.05 12.91 -11.34
CA ALA A 218 7.72 12.61 -10.78
C ALA A 218 6.73 13.71 -11.21
N ASN A 219 5.46 13.35 -11.39
CA ASN A 219 4.43 14.32 -11.71
C ASN A 219 3.84 14.86 -10.43
N LEU A 220 4.22 16.08 -10.06
CA LEU A 220 3.67 16.74 -8.86
C LEU A 220 2.78 17.95 -9.23
N GLU A 221 2.27 17.98 -10.47
CA GLU A 221 1.43 19.09 -10.92
C GLU A 221 0.15 19.17 -10.08
N SER A 222 -0.07 20.36 -9.50
CA SER A 222 -1.19 20.65 -8.58
C SER A 222 -1.18 19.79 -7.31
N ALA A 223 -0.07 19.09 -7.04
CA ALA A 223 -0.02 18.28 -5.82
C ALA A 223 -0.02 19.20 -4.60
N ILE A 224 -0.63 18.75 -3.52
CA ILE A 224 -0.67 19.54 -2.30
C ILE A 224 0.52 19.17 -1.41
N LEU A 225 1.45 20.10 -1.29
CA LEU A 225 2.71 19.87 -0.59
C LEU A 225 2.84 20.80 0.60
N ARG A 226 1.70 21.27 1.10
CA ARG A 226 1.70 22.22 2.22
C ARG A 226 2.34 21.64 3.48
N LYS A 227 3.36 22.34 3.99
CA LYS A 227 4.14 21.93 5.15
C LYS A 227 4.82 20.56 4.96
N ALA A 228 5.02 20.12 3.71
CA ALA A 228 5.75 18.87 3.46
C ALA A 228 7.25 19.14 3.60
N ASN A 229 8.03 18.13 4.01
CA ASN A 229 9.46 18.28 4.18
C ASN A 229 10.17 17.66 2.98
N LEU A 230 10.68 18.52 2.09
CA LEU A 230 11.41 18.04 0.90
C LEU A 230 12.93 18.17 1.07
N GLN A 231 13.39 18.40 2.29
CA GLN A 231 14.82 18.67 2.45
C GLN A 231 15.70 17.52 1.91
N GLY A 232 16.71 17.86 1.11
CA GLY A 232 17.60 16.83 0.56
C GLY A 232 16.98 16.01 -0.57
N ALA A 233 15.72 16.27 -0.92
CA ALA A 233 15.07 15.50 -2.00
C ALA A 233 15.59 15.89 -3.38
N ASP A 234 15.52 14.96 -4.33
CA ASP A 234 15.94 15.20 -5.70
C ASP A 234 14.74 15.51 -6.56
N LEU A 235 14.65 16.74 -7.07
CA LEU A 235 13.50 17.17 -7.88
C LEU A 235 13.83 17.25 -9.38
N THR A 236 14.97 16.69 -9.78
CA THR A 236 15.40 16.66 -11.20
C THR A 236 14.27 16.26 -12.16
N GLY A 237 13.89 17.17 -13.05
CA GLY A 237 12.91 16.83 -14.08
C GLY A 237 11.48 16.69 -13.55
N ALA A 238 11.26 16.94 -12.26
CA ALA A 238 9.93 16.78 -11.68
C ALA A 238 9.00 17.92 -12.15
N ILE A 239 7.73 17.61 -12.35
CA ILE A 239 6.78 18.64 -12.76
C ILE A 239 6.14 19.19 -11.51
N LEU A 240 6.40 20.46 -11.24
CA LEU A 240 5.91 21.09 -10.01
C LEU A 240 4.88 22.18 -10.26
N LYS A 241 4.51 22.37 -11.52
CA LYS A 241 3.54 23.39 -11.92
C LYS A 241 2.27 23.36 -11.05
N ASP A 242 1.94 24.53 -10.50
CA ASP A 242 0.73 24.74 -9.70
C ASP A 242 0.66 23.93 -8.39
N ALA A 243 1.77 23.32 -7.97
CA ALA A 243 1.77 22.63 -6.69
C ALA A 243 1.58 23.62 -5.54
N GLU A 244 0.92 23.17 -4.49
CA GLU A 244 0.68 23.99 -3.30
C GLU A 244 1.83 23.78 -2.34
N LEU A 245 2.73 24.75 -2.27
CA LEU A 245 4.00 24.61 -1.53
C LEU A 245 4.09 25.41 -0.24
N LYS A 246 2.97 25.99 0.20
CA LYS A 246 3.06 26.92 1.33
C LYS A 246 3.54 26.21 2.60
N GLY A 247 4.65 26.69 3.15
CA GLY A 247 5.17 26.15 4.38
C GLY A 247 6.04 24.92 4.18
N ALA A 248 6.19 24.48 2.93
CA ALA A 248 7.06 23.32 2.63
C ALA A 248 8.52 23.67 2.88
N ILE A 249 9.26 22.74 3.47
CA ILE A 249 10.71 22.85 3.52
C ILE A 249 11.26 22.35 2.19
N MET A 250 11.91 23.24 1.45
CA MET A 250 12.44 22.92 0.12
C MET A 250 13.72 22.07 0.19
N PRO A 251 14.15 21.47 -0.93
CA PRO A 251 15.37 20.63 -0.81
C PRO A 251 16.55 21.30 -0.13
N ASP A 252 16.71 22.62 -0.32
CA ASP A 252 17.84 23.34 0.24
C ASP A 252 17.63 23.72 1.72
N GLY A 253 16.48 23.34 2.28
CA GLY A 253 16.17 23.68 3.66
C GLY A 253 15.42 24.99 3.84
N SER A 254 15.27 25.77 2.77
CA SER A 254 14.48 27.00 2.88
C SER A 254 12.97 26.68 3.03
N ILE A 255 12.20 27.63 3.59
CA ILE A 255 10.76 27.44 3.77
C ILE A 255 10.05 28.23 2.69
N HIS A 256 9.19 27.55 1.94
CA HIS A 256 8.47 28.18 0.84
C HIS A 256 7.34 29.06 1.40
#